data_9DD3
#
_entry.id   9DD3
#
_cell.length_a   90.171
_cell.length_b   35.663
_cell.length_c   75.522
_cell.angle_alpha   90.000
_cell.angle_beta   116.200
_cell.angle_gamma   90.000
#
_symmetry.space_group_name_H-M   'C 1 2 1'
#
loop_
_entity.id
_entity.type
_entity.pdbx_description
1 polymer 'Designed allosteric facilitated dissociation switch AS5 H'
2 polymer 'Designed allosteric facilitated dissociation switch AS5 E'
3 water water
#
loop_
_entity_poly.entity_id
_entity_poly.type
_entity_poly.pdbx_seq_one_letter_code
_entity_poly.pdbx_strand_id
1 'polypeptide(L)'
;MSGSLREEIRKLAEQLSEKYKDEEIRELAREAAELAEESDDPEVLELAYEALKKGLELEDEEKVKLILLAAVLAARVARG
EVPEEKLEIALKALELAEASEDERIIRGALRAALAAARTDDPLALEVVLEALERAQASEDERLIRAILAAAYAFALLAVA
GASAERLKEAEAIVKELIAAAEKGASPQELVLLVIEMMVKGMGVTMETHRSGNEVKVVIKGLHESQQEVLLEAVLFAAEL
MGVRVRIRFKGDTVTIVVRE
;
A
2 'polypeptide(L)' EERKKELAKEVIETAKKLIEKLAKEE B
#
# COMPACT_ATOMS: atom_id res chain seq x y z
N GLY A 3 -9.43 -26.40 13.16
CA GLY A 3 -10.62 -27.03 13.68
C GLY A 3 -11.50 -26.05 14.45
N SER A 4 -11.19 -25.86 15.73
CA SER A 4 -11.84 -24.80 16.48
C SER A 4 -11.41 -23.43 15.98
N LEU A 5 -10.16 -23.32 15.53
CA LEU A 5 -9.69 -22.07 14.94
C LEU A 5 -10.46 -21.74 13.67
N ARG A 6 -10.72 -22.75 12.84
CA ARG A 6 -11.44 -22.51 11.59
C ARG A 6 -12.85 -21.99 11.85
N GLU A 7 -13.54 -22.59 12.83
CA GLU A 7 -14.86 -22.11 13.20
C GLU A 7 -14.82 -20.67 13.72
N GLU A 8 -13.85 -20.39 14.60
CA GLU A 8 -13.78 -19.06 15.20
C GLU A 8 -13.41 -17.99 14.18
N ILE A 9 -12.56 -18.33 13.21
CA ILE A 9 -12.18 -17.37 12.17
C ILE A 9 -13.40 -16.90 11.39
N ARG A 10 -14.25 -17.86 10.97
CA ARG A 10 -15.45 -17.48 10.23
C ARG A 10 -16.41 -16.67 11.11
N LYS A 11 -16.55 -17.06 12.39
CA LYS A 11 -17.42 -16.31 13.29
C LYS A 11 -16.91 -14.89 13.49
N LEU A 12 -15.60 -14.74 13.71
CA LEU A 12 -15.04 -13.40 13.97
C LEU A 12 -15.16 -12.50 12.75
N ALA A 13 -14.94 -13.04 11.56
CA ALA A 13 -15.03 -12.23 10.35
C ALA A 13 -16.44 -11.66 10.19
N GLU A 14 -17.46 -12.47 10.49
CA GLU A 14 -18.83 -11.96 10.43
C GLU A 14 -19.07 -10.92 11.52
N GLN A 15 -18.57 -11.17 12.73
CA GLN A 15 -18.75 -10.20 13.81
C GLN A 15 -18.07 -8.88 13.48
N LEU A 16 -16.86 -8.94 12.91
CA LEU A 16 -16.17 -7.73 12.50
C LEU A 16 -16.98 -6.94 11.47
N SER A 17 -17.67 -7.65 10.58
CA SER A 17 -18.47 -7.00 9.56
C SER A 17 -19.72 -6.34 10.14
N GLU A 18 -20.21 -6.80 11.30
CA GLU A 18 -21.32 -6.11 11.94
C GLU A 18 -20.84 -4.92 12.76
N LYS A 19 -19.68 -5.03 13.39
CA LYS A 19 -19.19 -3.98 14.26
C LYS A 19 -18.82 -2.72 13.47
N TYR A 20 -18.11 -2.89 12.36
CA TYR A 20 -17.56 -1.77 11.60
C TYR A 20 -18.30 -1.60 10.29
N LYS A 21 -18.77 -0.37 10.04
CA LYS A 21 -19.49 -0.05 8.81
C LYS A 21 -18.56 0.19 7.63
N ASP A 22 -17.29 0.48 7.87
CA ASP A 22 -16.37 0.81 6.78
C ASP A 22 -16.16 -0.39 5.87
N GLU A 23 -16.32 -0.17 4.57
CA GLU A 23 -16.33 -1.27 3.60
C GLU A 23 -14.98 -1.96 3.53
N GLU A 24 -13.89 -1.26 3.84
CA GLU A 24 -12.56 -1.85 3.76
C GLU A 24 -12.33 -2.89 4.84
N ILE A 25 -12.73 -2.59 6.09
CA ILE A 25 -12.66 -3.61 7.14
C ILE A 25 -13.49 -4.82 6.79
N ARG A 26 -14.70 -4.61 6.28
CA ARG A 26 -15.54 -5.74 5.89
C ARG A 26 -14.87 -6.57 4.82
N GLU A 27 -14.24 -5.92 3.85
CA GLU A 27 -13.56 -6.64 2.77
C GLU A 27 -12.36 -7.41 3.31
N LEU A 28 -11.51 -6.75 4.11
CA LEU A 28 -10.32 -7.41 4.63
C LEU A 28 -10.66 -8.54 5.60
N ALA A 29 -11.70 -8.35 6.40
CA ALA A 29 -12.15 -9.42 7.29
C ALA A 29 -12.56 -10.65 6.50
N ARG A 30 -13.36 -10.45 5.45
CA ARG A 30 -13.77 -11.55 4.59
C ARG A 30 -12.57 -12.20 3.89
N GLU A 31 -11.61 -11.37 3.44
CA GLU A 31 -10.46 -11.91 2.75
C GLU A 31 -9.61 -12.75 3.69
N ALA A 32 -9.47 -12.32 4.95
CA ALA A 32 -8.70 -13.09 5.92
C ALA A 32 -9.30 -14.47 6.11
N ALA A 33 -10.63 -14.55 6.22
CA ALA A 33 -11.28 -15.84 6.36
C ALA A 33 -11.06 -16.72 5.13
N GLU A 34 -11.14 -16.12 3.94
CA GLU A 34 -10.98 -16.90 2.72
C GLU A 34 -9.54 -17.41 2.60
N LEU A 35 -8.56 -16.53 2.80
CA LEU A 35 -7.16 -16.94 2.69
C LEU A 35 -6.80 -17.95 3.76
N ALA A 36 -7.34 -17.80 4.97
CA ALA A 36 -7.06 -18.77 6.03
C ALA A 36 -7.58 -20.15 5.66
N GLU A 37 -8.74 -20.22 5.01
CA GLU A 37 -9.27 -21.51 4.58
C GLU A 37 -8.47 -22.09 3.42
N GLU A 38 -8.08 -21.24 2.46
CA GLU A 38 -7.34 -21.73 1.30
C GLU A 38 -5.98 -22.28 1.68
N SER A 39 -5.38 -21.79 2.76
CA SER A 39 -4.14 -22.34 3.25
C SER A 39 -4.43 -23.53 4.16
N ASP A 40 -3.51 -24.49 4.18
CA ASP A 40 -3.56 -25.60 5.12
C ASP A 40 -2.57 -25.42 6.26
N ASP A 41 -2.01 -24.22 6.41
CA ASP A 41 -1.01 -23.96 7.43
C ASP A 41 -1.70 -23.60 8.74
N PRO A 42 -1.46 -24.33 9.83
CA PRO A 42 -1.95 -23.88 11.13
C PRO A 42 -1.45 -22.50 11.50
N GLU A 43 -0.18 -22.20 11.18
CA GLU A 43 0.39 -20.90 11.52
C GLU A 43 -0.37 -19.75 10.88
N VAL A 44 -0.89 -19.95 9.67
CA VAL A 44 -1.74 -18.94 9.04
C VAL A 44 -3.07 -18.83 9.78
N LEU A 45 -3.60 -19.97 10.25
CA LEU A 45 -4.86 -19.95 10.99
C LEU A 45 -4.74 -19.19 12.30
N GLU A 46 -3.67 -19.43 13.07
CA GLU A 46 -3.49 -18.69 14.31
C GLU A 46 -3.27 -17.20 14.04
N LEU A 47 -2.61 -16.88 12.93
CA LEU A 47 -2.42 -15.47 12.58
C LEU A 47 -3.76 -14.80 12.27
N ALA A 48 -4.56 -15.43 11.40
CA ALA A 48 -5.87 -14.86 11.07
C ALA A 48 -6.75 -14.76 12.31
N TYR A 49 -6.75 -15.79 13.15
CA TYR A 49 -7.56 -15.77 14.36
C TYR A 49 -7.14 -14.63 15.28
N GLU A 50 -5.82 -14.50 15.50
CA GLU A 50 -5.31 -13.46 16.38
C GLU A 50 -5.67 -12.07 15.88
N ALA A 51 -5.56 -11.85 14.57
CA ALA A 51 -5.85 -10.53 14.02
C ALA A 51 -7.33 -10.21 14.10
N LEU A 52 -8.19 -11.16 13.73
CA LEU A 52 -9.62 -10.93 13.79
C LEU A 52 -10.08 -10.70 15.22
N LYS A 53 -9.50 -11.44 16.17
CA LYS A 53 -9.86 -11.27 17.58
C LYS A 53 -9.49 -9.89 18.09
N LYS A 54 -8.29 -9.41 17.72
CA LYS A 54 -7.89 -8.06 18.13
C LYS A 54 -8.78 -7.00 17.51
N GLY A 55 -9.21 -7.21 16.25
CA GLY A 55 -10.16 -6.29 15.65
C GLY A 55 -11.46 -6.20 16.42
N LEU A 56 -11.87 -7.29 17.07
CA LEU A 56 -13.08 -7.27 17.87
C LEU A 56 -12.84 -6.68 19.26
N GLU A 57 -11.64 -6.86 19.81
CA GLU A 57 -11.34 -6.30 21.14
C GLU A 57 -11.12 -4.80 21.06
N LEU A 58 -10.65 -4.29 19.93
CA LEU A 58 -10.31 -2.89 19.78
C LEU A 58 -11.51 -2.11 19.27
N GLU A 59 -11.47 -0.78 19.45
CA GLU A 59 -12.52 0.09 18.94
C GLU A 59 -12.01 1.13 17.94
N ASP A 60 -10.69 1.25 17.75
CA ASP A 60 -10.13 2.20 16.81
C ASP A 60 -10.12 1.57 15.42
N GLU A 61 -10.93 2.11 14.50
CA GLU A 61 -10.99 1.58 13.15
C GLU A 61 -9.63 1.60 12.46
N GLU A 62 -8.83 2.64 12.71
CA GLU A 62 -7.55 2.78 12.03
C GLU A 62 -6.60 1.65 12.41
N LYS A 63 -6.46 1.38 13.72
CA LYS A 63 -5.60 0.29 14.14
C LYS A 63 -6.11 -1.05 13.65
N VAL A 64 -7.43 -1.22 13.62
CA VAL A 64 -8.01 -2.47 13.14
C VAL A 64 -7.73 -2.67 11.66
N LYS A 65 -7.88 -1.61 10.86
CA LYS A 65 -7.50 -1.67 9.46
C LYS A 65 -6.07 -2.16 9.27
N LEU A 66 -5.14 -1.57 10.02
CA LEU A 66 -3.72 -1.93 9.87
C LEU A 66 -3.48 -3.36 10.30
N ILE A 67 -4.16 -3.82 11.36
CA ILE A 67 -4.01 -5.19 11.81
C ILE A 67 -4.48 -6.16 10.73
N LEU A 68 -5.63 -5.88 10.13
CA LEU A 68 -6.15 -6.76 9.09
C LEU A 68 -5.29 -6.68 7.82
N LEU A 69 -4.76 -5.50 7.50
CA LEU A 69 -3.85 -5.40 6.36
C LEU A 69 -2.63 -6.30 6.56
N ALA A 70 -2.05 -6.30 7.76
CA ALA A 70 -0.90 -7.15 8.03
C ALA A 70 -1.26 -8.63 7.92
N ALA A 71 -2.42 -9.02 8.45
CA ALA A 71 -2.80 -10.42 8.44
C ALA A 71 -3.10 -10.91 7.02
N VAL A 72 -3.77 -10.09 6.21
CA VAL A 72 -4.09 -10.48 4.85
C VAL A 72 -2.81 -10.55 4.01
N LEU A 73 -1.92 -9.56 4.15
CA LEU A 73 -0.63 -9.61 3.47
C LEU A 73 0.10 -10.91 3.76
N ALA A 74 0.27 -11.22 5.05
CA ALA A 74 1.02 -12.42 5.42
C ALA A 74 0.33 -13.68 4.91
N ALA A 75 -0.99 -13.76 5.06
CA ALA A 75 -1.73 -14.92 4.60
C ALA A 75 -1.69 -15.07 3.08
N ARG A 76 -1.66 -13.95 2.35
N ARG A 76 -1.66 -13.95 2.35
CA ARG A 76 -1.65 -14.03 0.89
CA ARG A 76 -1.65 -14.02 0.90
C ARG A 76 -0.34 -14.60 0.37
C ARG A 76 -0.34 -14.60 0.39
N VAL A 77 0.79 -14.23 1.00
CA VAL A 77 2.08 -14.72 0.54
C VAL A 77 2.46 -16.07 1.15
N ALA A 78 1.79 -16.50 2.21
CA ALA A 78 2.07 -17.79 2.83
C ALA A 78 1.12 -18.88 2.39
N ARG A 79 0.04 -18.54 1.68
CA ARG A 79 -0.89 -19.53 1.16
C ARG A 79 -0.32 -20.14 -0.12
N GLY A 80 -0.03 -21.43 -0.08
CA GLY A 80 0.48 -22.12 -1.24
C GLY A 80 1.95 -21.84 -1.52
N GLU A 81 2.28 -21.62 -2.78
CA GLU A 81 3.65 -21.30 -3.19
C GLU A 81 3.61 -20.08 -4.10
N VAL A 82 4.20 -18.99 -3.65
CA VAL A 82 4.21 -17.73 -4.39
C VAL A 82 5.63 -17.45 -4.85
N PRO A 83 5.83 -16.55 -5.82
CA PRO A 83 7.19 -16.16 -6.19
C PRO A 83 7.97 -15.70 -4.96
N GLU A 84 9.28 -15.99 -4.96
CA GLU A 84 10.13 -15.58 -3.86
C GLU A 84 10.10 -14.07 -3.66
N GLU A 85 9.94 -13.32 -4.75
CA GLU A 85 9.91 -11.86 -4.64
C GLU A 85 8.71 -11.37 -3.84
N LYS A 86 7.57 -12.07 -3.93
CA LYS A 86 6.41 -11.68 -3.14
C LYS A 86 6.65 -11.89 -1.65
N LEU A 87 7.28 -13.00 -1.28
CA LEU A 87 7.63 -13.22 0.12
C LEU A 87 8.60 -12.16 0.60
N GLU A 88 9.61 -11.82 -0.20
CA GLU A 88 10.57 -10.82 0.22
C GLU A 88 9.93 -9.44 0.34
N ILE A 89 8.99 -9.12 -0.55
CA ILE A 89 8.27 -7.86 -0.44
C ILE A 89 7.51 -7.81 0.88
N ALA A 90 6.77 -8.87 1.20
CA ALA A 90 5.98 -8.88 2.42
C ALA A 90 6.87 -8.77 3.65
N LEU A 91 7.98 -9.53 3.67
CA LEU A 91 8.87 -9.53 4.82
C LEU A 91 9.45 -8.14 5.07
N LYS A 92 9.96 -7.51 4.02
CA LYS A 92 10.60 -6.21 4.20
C LYS A 92 9.59 -5.13 4.57
N ALA A 93 8.37 -5.20 4.05
CA ALA A 93 7.34 -4.26 4.47
C ALA A 93 6.98 -4.47 5.94
N LEU A 94 6.83 -5.73 6.35
CA LEU A 94 6.49 -6.02 7.74
C LEU A 94 7.62 -5.63 8.68
N GLU A 95 8.87 -5.74 8.23
CA GLU A 95 9.99 -5.30 9.06
C GLU A 95 10.02 -3.78 9.17
N LEU A 96 9.77 -3.07 8.07
CA LEU A 96 9.71 -1.61 8.11
C LEU A 96 8.59 -1.13 9.03
N ALA A 97 7.43 -1.80 8.98
CA ALA A 97 6.33 -1.42 9.84
C ALA A 97 6.62 -1.70 11.30
N GLU A 98 7.22 -2.86 11.60
CA GLU A 98 7.48 -3.21 12.99
C GLU A 98 8.52 -2.30 13.61
N ALA A 99 9.43 -1.74 12.81
CA ALA A 99 10.52 -0.93 13.33
C ALA A 99 10.17 0.54 13.50
N SER A 100 9.13 1.02 12.84
CA SER A 100 8.82 2.44 12.83
C SER A 100 7.78 2.80 13.87
N GLU A 101 7.87 4.05 14.36
CA GLU A 101 6.85 4.61 15.24
C GLU A 101 5.87 5.50 14.49
N ASP A 102 6.19 5.89 13.26
CA ASP A 102 5.29 6.71 12.45
C ASP A 102 4.24 5.82 11.80
N GLU A 103 2.97 6.08 12.10
CA GLU A 103 1.89 5.26 11.57
C GLU A 103 1.81 5.35 10.05
N ARG A 104 2.27 6.47 9.48
CA ARG A 104 2.25 6.61 8.03
C ARG A 104 3.17 5.61 7.35
N ILE A 105 4.30 5.28 7.99
CA ILE A 105 5.21 4.29 7.41
C ILE A 105 4.60 2.90 7.50
N ILE A 106 3.92 2.61 8.62
CA ILE A 106 3.28 1.30 8.77
C ILE A 106 2.23 1.10 7.69
N ARG A 107 1.42 2.12 7.46
CA ARG A 107 0.32 1.97 6.50
C ARG A 107 0.84 2.04 5.06
N GLY A 108 1.88 2.83 4.81
CA GLY A 108 2.49 2.84 3.48
C GLY A 108 3.15 1.52 3.12
N ALA A 109 3.87 0.93 4.09
CA ALA A 109 4.53 -0.34 3.82
C ALA A 109 3.51 -1.44 3.57
N LEU A 110 2.51 -1.57 4.45
CA LEU A 110 1.51 -2.62 4.30
C LEU A 110 0.74 -2.47 3.01
N ARG A 111 0.31 -1.23 2.69
CA ARG A 111 -0.54 -1.02 1.51
C ARG A 111 0.22 -1.25 0.21
N ALA A 112 1.48 -0.81 0.15
CA ALA A 112 2.28 -1.05 -1.05
C ALA A 112 2.57 -2.53 -1.24
N ALA A 113 2.85 -3.24 -0.14
CA ALA A 113 3.18 -4.66 -0.24
C ALA A 113 1.96 -5.51 -0.57
N LEU A 114 0.80 -5.19 0.00
CA LEU A 114 -0.39 -5.97 -0.29
C LEU A 114 -0.84 -5.76 -1.74
N ALA A 115 -0.76 -4.52 -2.24
CA ALA A 115 -1.10 -4.27 -3.64
C ALA A 115 -0.14 -5.01 -4.57
N ALA A 116 1.16 -5.03 -4.23
CA ALA A 116 2.10 -5.80 -5.04
C ALA A 116 1.81 -7.29 -4.96
N ALA A 117 1.43 -7.78 -3.77
CA ALA A 117 1.11 -9.19 -3.61
C ALA A 117 -0.09 -9.61 -4.45
N ARG A 118 -0.93 -8.66 -4.86
CA ARG A 118 -2.09 -9.00 -5.67
C ARG A 118 -1.76 -9.15 -7.15
N THR A 119 -0.66 -8.55 -7.62
CA THR A 119 -0.29 -8.63 -9.03
C THR A 119 0.58 -9.84 -9.29
N ASP A 120 0.58 -10.29 -10.56
CA ASP A 120 1.38 -11.43 -10.99
C ASP A 120 2.53 -11.04 -11.91
N ASP A 121 2.67 -9.75 -12.22
CA ASP A 121 3.71 -9.32 -13.15
C ASP A 121 5.07 -9.31 -12.46
N PRO A 122 6.04 -10.10 -12.91
CA PRO A 122 7.37 -10.06 -12.28
C PRO A 122 8.03 -8.70 -12.40
N LEU A 123 7.74 -7.95 -13.46
CA LEU A 123 8.23 -6.58 -13.58
C LEU A 123 7.78 -5.73 -12.41
N ALA A 124 6.49 -5.82 -12.05
CA ALA A 124 5.99 -4.99 -10.95
C ALA A 124 6.58 -5.42 -9.62
N LEU A 125 6.76 -6.73 -9.42
CA LEU A 125 7.29 -7.21 -8.15
C LEU A 125 8.73 -6.73 -7.94
N GLU A 126 9.54 -6.71 -9.00
CA GLU A 126 10.93 -6.34 -8.80
C GLU A 126 11.07 -4.85 -8.50
N VAL A 127 10.20 -4.02 -9.06
CA VAL A 127 10.25 -2.58 -8.78
C VAL A 127 9.87 -2.31 -7.34
N VAL A 128 8.79 -2.95 -6.86
CA VAL A 128 8.36 -2.74 -5.49
C VAL A 128 9.41 -3.27 -4.51
N LEU A 129 9.97 -4.45 -4.80
CA LEU A 129 11.02 -5.00 -3.94
C LEU A 129 12.24 -4.10 -3.90
N GLU A 130 12.67 -3.61 -5.07
CA GLU A 130 13.84 -2.71 -5.10
C GLU A 130 13.57 -1.43 -4.32
N ALA A 131 12.32 -0.95 -4.35
CA ALA A 131 11.99 0.24 -3.57
C ALA A 131 12.03 -0.04 -2.08
N LEU A 132 11.51 -1.20 -1.65
CA LEU A 132 11.53 -1.52 -0.23
C LEU A 132 12.94 -1.81 0.26
N GLU A 133 13.80 -2.35 -0.60
CA GLU A 133 15.19 -2.54 -0.25
C GLU A 133 15.87 -1.20 0.05
N ARG A 134 15.59 -0.18 -0.76
CA ARG A 134 16.19 1.13 -0.54
C ARG A 134 15.70 1.75 0.76
N ALA A 135 14.41 1.58 1.07
CA ALA A 135 13.86 2.15 2.30
C ALA A 135 14.48 1.48 3.53
N GLN A 136 14.68 0.16 3.47
CA GLN A 136 15.27 -0.55 4.60
C GLN A 136 16.71 -0.12 4.83
N ALA A 137 17.44 0.24 3.76
CA ALA A 137 18.82 0.66 3.92
C ALA A 137 18.94 2.04 4.54
N SER A 138 17.87 2.85 4.50
CA SER A 138 17.91 4.21 5.01
C SER A 138 17.46 4.26 6.46
N GLU A 139 18.03 5.20 7.21
CA GLU A 139 17.58 5.53 8.55
C GLU A 139 16.75 6.81 8.59
N ASP A 140 16.48 7.40 7.42
CA ASP A 140 15.73 8.65 7.32
C ASP A 140 14.26 8.31 7.11
N GLU A 141 13.44 8.53 8.15
CA GLU A 141 12.02 8.23 8.04
C GLU A 141 11.33 9.14 7.04
N ARG A 142 11.84 10.37 6.86
CA ARG A 142 11.31 11.23 5.82
C ARG A 142 11.54 10.65 4.43
N LEU A 143 12.74 10.11 4.18
CA LEU A 143 13.00 9.48 2.89
C LEU A 143 12.22 8.19 2.74
N ILE A 144 12.05 7.45 3.83
CA ILE A 144 11.27 6.22 3.79
C ILE A 144 9.84 6.52 3.37
N ARG A 145 9.26 7.61 3.89
CA ARG A 145 7.89 7.95 3.52
C ARG A 145 7.79 8.34 2.06
N ALA A 146 8.80 9.03 1.53
CA ALA A 146 8.82 9.34 0.10
C ALA A 146 8.89 8.07 -0.75
N ILE A 147 9.74 7.12 -0.35
CA ILE A 147 9.88 5.88 -1.11
C ILE A 147 8.58 5.08 -1.09
N LEU A 148 7.95 4.98 0.08
CA LEU A 148 6.71 4.21 0.20
C LEU A 148 5.58 4.86 -0.61
N ALA A 149 5.54 6.20 -0.63
CA ALA A 149 4.53 6.87 -1.45
C ALA A 149 4.71 6.52 -2.93
N ALA A 150 5.96 6.50 -3.40
CA ALA A 150 6.23 6.10 -4.78
C ALA A 150 5.87 4.64 -5.02
N ALA A 151 6.23 3.76 -4.09
CA ALA A 151 5.98 2.33 -4.28
C ALA A 151 4.49 2.03 -4.28
N TYR A 152 3.71 2.72 -3.44
CA TYR A 152 2.28 2.47 -3.38
C TYR A 152 1.58 2.97 -4.64
N ALA A 153 1.98 4.16 -5.11
CA ALA A 153 1.47 4.67 -6.38
C ALA A 153 1.73 3.68 -7.52
N PHE A 154 2.96 3.22 -7.64
CA PHE A 154 3.32 2.26 -8.68
C PHE A 154 2.49 0.98 -8.55
N ALA A 155 2.44 0.42 -7.34
CA ALA A 155 1.67 -0.80 -7.13
C ALA A 155 0.19 -0.63 -7.48
N LEU A 156 -0.36 0.56 -7.21
CA LEU A 156 -1.75 0.80 -7.56
C LEU A 156 -1.96 0.81 -9.07
N LEU A 157 -0.98 1.35 -9.81
CA LEU A 157 -1.04 1.27 -11.27
C LEU A 157 -1.07 -0.18 -11.72
N ALA A 158 -0.26 -1.03 -11.08
CA ALA A 158 -0.19 -2.44 -11.48
C ALA A 158 -1.55 -3.13 -11.26
N VAL A 159 -2.16 -2.94 -10.09
CA VAL A 159 -3.43 -3.60 -9.82
C VAL A 159 -4.58 -2.94 -10.57
N ALA A 160 -4.42 -1.69 -11.01
CA ALA A 160 -5.42 -1.06 -11.87
C ALA A 160 -5.30 -1.50 -13.31
N GLY A 161 -4.38 -2.40 -13.65
CA GLY A 161 -4.29 -2.95 -14.98
C GLY A 161 -3.38 -2.23 -15.94
N ALA A 162 -2.46 -1.40 -15.46
CA ALA A 162 -1.54 -0.71 -16.35
C ALA A 162 -0.67 -1.71 -17.10
N SER A 163 -0.44 -1.42 -18.38
CA SER A 163 0.35 -2.31 -19.23
C SER A 163 1.78 -2.38 -18.75
N ALA A 164 2.47 -3.46 -19.16
CA ALA A 164 3.88 -3.60 -18.87
C ALA A 164 4.68 -2.41 -19.38
N GLU A 165 4.29 -1.87 -20.55
CA GLU A 165 4.99 -0.72 -21.10
C GLU A 165 4.79 0.52 -20.24
N ARG A 166 3.58 0.73 -19.74
CA ARG A 166 3.35 1.89 -18.88
C ARG A 166 3.98 1.71 -17.51
N LEU A 167 4.14 0.47 -17.04
CA LEU A 167 4.85 0.24 -15.79
C LEU A 167 6.35 0.47 -15.95
N LYS A 168 6.88 0.23 -17.14
CA LYS A 168 8.29 0.55 -17.38
C LYS A 168 8.53 2.05 -17.32
N GLU A 169 7.61 2.85 -17.87
CA GLU A 169 7.70 4.29 -17.73
C GLU A 169 7.47 4.73 -16.29
N ALA A 170 6.54 4.07 -15.59
CA ALA A 170 6.30 4.42 -14.20
C ALA A 170 7.51 4.07 -13.33
N GLU A 171 8.20 2.96 -13.64
CA GLU A 171 9.43 2.63 -12.93
C GLU A 171 10.44 3.77 -12.99
N ALA A 172 10.60 4.37 -14.18
CA ALA A 172 11.54 5.48 -14.33
C ALA A 172 11.19 6.62 -13.40
N ILE A 173 9.89 6.88 -13.22
CA ILE A 173 9.48 7.98 -12.36
C ILE A 173 9.68 7.62 -10.89
N VAL A 174 9.46 6.35 -10.54
CA VAL A 174 9.76 5.88 -9.19
C VAL A 174 11.22 6.15 -8.87
N LYS A 175 12.12 5.79 -9.80
CA LYS A 175 13.56 5.99 -9.58
C LYS A 175 13.89 7.48 -9.54
N GLU A 176 13.25 8.27 -10.40
CA GLU A 176 13.46 9.72 -10.40
C GLU A 176 13.03 10.32 -9.07
N LEU A 177 11.89 9.89 -8.54
CA LEU A 177 11.38 10.45 -7.29
C LEU A 177 12.31 10.13 -6.13
N ILE A 178 12.78 8.88 -6.05
CA ILE A 178 13.66 8.49 -4.97
C ILE A 178 14.97 9.27 -5.04
N ALA A 179 15.58 9.36 -6.23
CA ALA A 179 16.81 10.12 -6.37
C ALA A 179 16.61 11.58 -5.99
N ALA A 180 15.48 12.17 -6.40
CA ALA A 180 15.23 13.57 -6.03
C ALA A 180 15.06 13.73 -4.53
N ALA A 181 14.39 12.78 -3.88
CA ALA A 181 14.19 12.88 -2.44
C ALA A 181 15.52 12.75 -1.70
N GLU A 182 16.40 11.86 -2.18
CA GLU A 182 17.69 11.67 -1.54
C GLU A 182 18.54 12.95 -1.61
N LYS A 183 18.40 13.73 -2.68
CA LYS A 183 19.17 14.95 -2.87
CA LYS A 183 19.17 14.95 -2.86
C LYS A 183 18.55 16.15 -2.18
N GLY A 184 17.38 16.00 -1.55
CA GLY A 184 16.75 17.08 -0.83
C GLY A 184 15.68 17.85 -1.57
N ALA A 185 15.02 17.25 -2.55
CA ALA A 185 13.94 17.94 -3.25
C ALA A 185 12.79 18.22 -2.28
N SER A 186 12.04 19.29 -2.56
CA SER A 186 10.94 19.65 -1.70
C SER A 186 9.84 18.59 -1.75
N PRO A 187 9.05 18.45 -0.69
CA PRO A 187 7.91 17.53 -0.75
C PRO A 187 6.93 17.85 -1.87
N GLN A 188 6.78 19.14 -2.21
CA GLN A 188 5.91 19.51 -3.32
C GLN A 188 6.42 18.93 -4.64
N GLU A 189 7.72 19.06 -4.90
CA GLU A 189 8.29 18.47 -6.12
C GLU A 189 8.05 16.96 -6.18
N LEU A 190 8.14 16.26 -5.04
CA LEU A 190 7.93 14.83 -5.03
C LEU A 190 6.47 14.48 -5.28
N VAL A 191 5.53 15.30 -4.79
CA VAL A 191 4.12 15.02 -5.01
C VAL A 191 3.78 15.19 -6.49
N LEU A 192 4.35 16.23 -7.14
CA LEU A 192 4.18 16.39 -8.58
C LEU A 192 4.68 15.17 -9.35
N LEU A 193 5.75 14.54 -8.89
CA LEU A 193 6.24 13.34 -9.57
C LEU A 193 5.25 12.18 -9.43
N VAL A 194 4.60 12.04 -8.26
CA VAL A 194 3.56 11.02 -8.12
C VAL A 194 2.40 11.30 -9.07
N ILE A 195 2.00 12.58 -9.19
CA ILE A 195 0.90 12.91 -10.10
C ILE A 195 1.26 12.52 -11.54
N GLU A 196 2.46 12.91 -11.98
CA GLU A 196 2.95 12.53 -13.31
C GLU A 196 2.95 11.01 -13.50
N MET A 197 3.41 10.27 -12.49
CA MET A 197 3.38 8.80 -12.56
C MET A 197 1.98 8.29 -12.83
N MET A 198 0.98 8.75 -12.05
CA MET A 198 -0.38 8.28 -12.21
C MET A 198 -0.96 8.68 -13.56
N VAL A 199 -0.64 9.89 -14.03
CA VAL A 199 -1.19 10.38 -15.28
C VAL A 199 -0.68 9.55 -16.45
N LYS A 200 0.64 9.31 -16.50
CA LYS A 200 1.21 8.50 -17.58
C LYS A 200 0.81 7.05 -17.44
N GLY A 201 0.77 6.53 -16.20
CA GLY A 201 0.43 5.13 -16.00
C GLY A 201 -0.99 4.79 -16.37
N MET A 202 -1.92 5.72 -16.19
CA MET A 202 -3.30 5.51 -16.59
C MET A 202 -3.57 5.96 -18.01
N GLY A 203 -2.55 6.42 -18.73
CA GLY A 203 -2.70 6.74 -20.13
C GLY A 203 -3.51 7.98 -20.43
N VAL A 204 -3.46 8.97 -19.54
CA VAL A 204 -4.19 10.22 -19.78
C VAL A 204 -3.18 11.36 -19.91
N THR A 205 -3.66 12.60 -19.86
CA THR A 205 -2.85 13.77 -20.14
C THR A 205 -2.98 14.79 -19.02
N MET A 206 -1.98 15.66 -18.91
CA MET A 206 -1.99 16.69 -17.88
C MET A 206 -1.32 17.95 -18.40
N GLU A 207 -1.71 19.07 -17.80
CA GLU A 207 -1.08 20.36 -18.02
C GLU A 207 -0.69 20.92 -16.65
N THR A 208 0.50 21.51 -16.58
CA THR A 208 1.03 22.05 -15.33
C THR A 208 1.09 23.57 -15.42
N HIS A 209 0.48 24.24 -14.44
CA HIS A 209 0.43 25.70 -14.40
C HIS A 209 0.97 26.19 -13.07
N ARG A 210 1.90 27.15 -13.12
CA ARG A 210 2.55 27.71 -11.93
C ARG A 210 2.22 29.20 -11.88
N SER A 211 1.02 29.51 -11.38
CA SER A 211 0.57 30.91 -11.31
C SER A 211 1.51 31.73 -10.44
N GLY A 212 1.65 31.35 -9.17
CA GLY A 212 2.55 32.03 -8.27
C GLY A 212 3.47 31.07 -7.53
N ASN A 213 3.20 30.88 -6.25
CA ASN A 213 3.95 29.95 -5.42
C ASN A 213 3.40 28.53 -5.44
N GLU A 214 2.30 28.30 -6.15
CA GLU A 214 1.53 27.07 -5.97
C GLU A 214 1.22 26.49 -7.35
N VAL A 215 1.60 25.25 -7.57
CA VAL A 215 1.47 24.59 -8.87
C VAL A 215 0.08 23.95 -8.99
N LYS A 216 -0.52 24.07 -10.16
CA LYS A 216 -1.83 23.51 -10.46
C LYS A 216 -1.69 22.53 -11.62
N VAL A 217 -2.15 21.30 -11.42
CA VAL A 217 -2.14 20.27 -12.45
C VAL A 217 -3.57 20.04 -12.91
N VAL A 218 -3.80 20.08 -14.21
CA VAL A 218 -5.11 19.81 -14.80
C VAL A 218 -5.02 18.50 -15.58
N ILE A 219 -5.83 17.52 -15.18
CA ILE A 219 -5.76 16.16 -15.70
C ILE A 219 -7.03 15.86 -16.48
N LYS A 220 -6.87 15.43 -17.72
CA LYS A 220 -7.99 15.19 -18.62
C LYS A 220 -7.96 13.76 -19.13
N GLY A 221 -9.15 13.18 -19.33
CA GLY A 221 -9.28 11.89 -19.99
C GLY A 221 -9.56 10.71 -19.09
N LEU A 222 -9.64 10.89 -17.78
CA LEU A 222 -9.91 9.80 -16.86
C LEU A 222 -11.39 9.45 -16.86
N HIS A 223 -11.71 8.16 -16.99
CA HIS A 223 -13.05 7.71 -16.67
C HIS A 223 -13.33 8.02 -15.20
N GLU A 224 -14.60 8.29 -14.89
CA GLU A 224 -14.95 8.69 -13.53
C GLU A 224 -14.54 7.61 -12.52
N SER A 225 -14.76 6.34 -12.86
CA SER A 225 -14.39 5.27 -11.94
C SER A 225 -12.89 4.98 -11.94
N GLN A 226 -12.10 5.64 -12.79
CA GLN A 226 -10.65 5.59 -12.67
C GLN A 226 -10.10 6.69 -11.78
N GLN A 227 -10.90 7.73 -11.51
CA GLN A 227 -10.44 8.83 -10.67
C GLN A 227 -10.04 8.34 -9.29
N GLU A 228 -10.75 7.33 -8.77
CA GLU A 228 -10.47 6.85 -7.41
C GLU A 228 -9.04 6.33 -7.28
N VAL A 229 -8.51 5.70 -8.34
CA VAL A 229 -7.14 5.20 -8.29
C VAL A 229 -6.16 6.37 -8.19
N LEU A 230 -6.35 7.39 -9.02
CA LEU A 230 -5.46 8.54 -8.98
C LEU A 230 -5.57 9.28 -7.65
N LEU A 231 -6.80 9.45 -7.14
CA LEU A 231 -6.97 10.11 -5.85
C LEU A 231 -6.27 9.36 -4.73
N GLU A 232 -6.46 8.04 -4.67
CA GLU A 232 -5.84 7.26 -3.61
C GLU A 232 -4.32 7.39 -3.66
N ALA A 233 -3.74 7.33 -4.86
CA ALA A 233 -2.28 7.45 -4.95
C ALA A 233 -1.82 8.84 -4.55
N VAL A 234 -2.52 9.88 -5.01
CA VAL A 234 -2.07 11.25 -4.76
C VAL A 234 -2.37 11.68 -3.32
N LEU A 235 -3.58 11.40 -2.83
CA LEU A 235 -3.91 11.78 -1.46
C LEU A 235 -2.99 11.06 -0.47
N PHE A 236 -2.71 9.78 -0.72
CA PHE A 236 -1.83 9.01 0.15
C PHE A 236 -0.41 9.56 0.11
N ALA A 237 0.10 9.82 -1.09
CA ALA A 237 1.44 10.39 -1.22
C ALA A 237 1.55 11.74 -0.53
N ALA A 238 0.49 12.56 -0.65
CA ALA A 238 0.53 13.89 -0.03
C ALA A 238 0.57 13.79 1.48
N GLU A 239 -0.19 12.85 2.07
CA GLU A 239 -0.14 12.66 3.51
C GLU A 239 1.22 12.14 3.96
N LEU A 240 1.80 11.21 3.19
CA LEU A 240 3.08 10.62 3.57
C LEU A 240 4.20 11.65 3.53
N MET A 241 4.17 12.60 2.60
CA MET A 241 5.27 13.54 2.46
C MET A 241 4.96 14.92 3.03
N GLY A 242 3.84 15.08 3.74
CA GLY A 242 3.52 16.33 4.39
C GLY A 242 3.24 17.49 3.46
N VAL A 243 2.38 17.26 2.47
CA VAL A 243 1.96 18.29 1.52
C VAL A 243 0.44 18.30 1.48
N ARG A 244 -0.14 19.49 1.49
CA ARG A 244 -1.57 19.62 1.29
C ARG A 244 -1.86 19.77 -0.20
N VAL A 245 -2.87 19.05 -0.67
CA VAL A 245 -3.35 19.21 -2.04
C VAL A 245 -4.84 19.55 -1.97
N ARG A 246 -5.29 20.34 -2.92
CA ARG A 246 -6.72 20.61 -3.12
C ARG A 246 -7.12 19.98 -4.44
N ILE A 247 -8.10 19.07 -4.39
CA ILE A 247 -8.52 18.30 -5.56
C ILE A 247 -9.96 18.68 -5.88
N ARG A 248 -10.18 19.21 -7.08
CA ARG A 248 -11.49 19.61 -7.58
C ARG A 248 -11.81 18.84 -8.85
N PHE A 249 -13.11 18.57 -9.04
CA PHE A 249 -13.58 17.77 -10.18
C PHE A 249 -14.60 18.54 -10.99
N LYS A 250 -14.47 18.45 -12.31
CA LYS A 250 -15.49 18.83 -13.27
C LYS A 250 -16.06 17.54 -13.89
N GLY A 251 -16.44 17.60 -15.16
CA GLY A 251 -16.94 16.42 -15.84
C GLY A 251 -15.89 15.33 -15.95
N ASP A 252 -14.98 15.48 -16.91
CA ASP A 252 -13.88 14.55 -17.12
C ASP A 252 -12.54 15.12 -16.65
N THR A 253 -12.56 16.25 -15.96
CA THR A 253 -11.36 17.01 -15.63
C THR A 253 -11.13 17.02 -14.13
N VAL A 254 -9.91 16.68 -13.72
CA VAL A 254 -9.48 16.73 -12.33
C VAL A 254 -8.40 17.79 -12.20
N THR A 255 -8.58 18.70 -11.24
CA THR A 255 -7.61 19.74 -10.96
C THR A 255 -7.01 19.55 -9.58
N ILE A 256 -5.69 19.53 -9.49
CA ILE A 256 -4.97 19.32 -8.24
C ILE A 256 -4.04 20.50 -8.01
N VAL A 257 -4.24 21.22 -6.91
CA VAL A 257 -3.38 22.31 -6.50
C VAL A 257 -2.46 21.79 -5.40
N VAL A 258 -1.15 21.90 -5.61
CA VAL A 258 -0.15 21.45 -4.64
C VAL A 258 0.24 22.66 -3.80
N ARG A 259 -0.12 22.63 -2.53
CA ARG A 259 0.00 23.79 -1.67
C ARG A 259 1.45 23.96 -1.19
N GLU A 260 1.91 25.21 -1.17
CA GLU A 260 3.28 25.50 -0.76
C GLU A 260 3.29 26.53 0.36
N LYS B 4 11.76 -20.79 0.55
CA LYS B 4 10.42 -20.19 0.55
C LYS B 4 9.71 -20.49 1.86
N LYS B 5 9.81 -21.75 2.31
CA LYS B 5 9.19 -22.12 3.58
C LYS B 5 9.78 -21.32 4.73
N GLU B 6 11.10 -21.09 4.70
CA GLU B 6 11.73 -20.31 5.77
C GLU B 6 11.30 -18.85 5.72
N LEU B 7 11.16 -18.30 4.51
CA LEU B 7 10.69 -16.92 4.38
C LEU B 7 9.25 -16.78 4.84
N ALA B 8 8.39 -17.74 4.50
CA ALA B 8 6.99 -17.69 4.89
C ALA B 8 6.83 -17.71 6.41
N LYS B 9 7.59 -18.57 7.09
CA LYS B 9 7.53 -18.59 8.55
C LYS B 9 8.00 -17.26 9.13
N GLU B 10 9.01 -16.64 8.54
CA GLU B 10 9.50 -15.36 9.04
C GLU B 10 8.47 -14.26 8.80
N VAL B 11 7.76 -14.32 7.66
CA VAL B 11 6.70 -13.35 7.39
C VAL B 11 5.60 -13.47 8.43
N ILE B 12 5.17 -14.70 8.73
CA ILE B 12 4.12 -14.93 9.71
C ILE B 12 4.56 -14.46 11.09
N GLU B 13 5.81 -14.77 11.46
CA GLU B 13 6.33 -14.37 12.77
C GLU B 13 6.37 -12.86 12.90
N THR B 14 6.83 -12.17 11.85
CA THR B 14 6.93 -10.72 11.92
C THR B 14 5.56 -10.08 11.91
N ALA B 15 4.61 -10.66 11.16
CA ALA B 15 3.25 -10.13 11.14
C ALA B 15 2.60 -10.26 12.52
N LYS B 16 2.84 -11.37 13.22
CA LYS B 16 2.30 -11.52 14.57
C LYS B 16 2.89 -10.49 15.51
N LYS B 17 4.19 -10.23 15.42
CA LYS B 17 4.81 -9.22 16.27
C LYS B 17 4.24 -7.83 15.97
N LEU B 18 4.03 -7.53 14.69
CA LEU B 18 3.46 -6.23 14.32
C LEU B 18 2.03 -6.08 14.85
N ILE B 19 1.22 -7.13 14.72
CA ILE B 19 -0.17 -7.05 15.18
C ILE B 19 -0.22 -6.83 16.68
N GLU B 20 0.67 -7.49 17.43
CA GLU B 20 0.71 -7.28 18.88
C GLU B 20 1.13 -5.86 19.20
N LYS B 21 2.07 -5.30 18.43
CA LYS B 21 2.47 -3.92 18.63
C LYS B 21 1.32 -2.96 18.34
N LEU B 22 0.62 -3.18 17.23
CA LEU B 22 -0.49 -2.31 16.85
C LEU B 22 -1.62 -2.37 17.87
N ALA B 23 -1.79 -3.51 18.53
CA ALA B 23 -2.87 -3.69 19.49
C ALA B 23 -2.58 -2.97 20.81
#